data_5HYE
#
_entry.id   5HYE
#
_cell.length_a   49.035
_cell.length_b   81.624
_cell.length_c   136.096
_cell.angle_alpha   90.00
_cell.angle_beta   90.00
_cell.angle_gamma   90.00
#
_symmetry.space_group_name_H-M   'P 21 21 21'
#
loop_
_entity.id
_entity.type
_entity.pdbx_description
1 polymer 'Ig gamma-1 chain C region'
2 branched beta-D-galactopyranose-(1-4)-2-acetamido-2-deoxy-beta-D-glucopyranose-(1-2)-beta-D-mannopyranose-(1-6)-[2-acetamido-2-deoxy-beta-D-glucopyranose-(1-2)-beta-D-mannopyranose-(1-3)]beta-D-mannopyranose-(1-4)-2-acetamido-2-deoxy-beta-D-glucopyranose-(1-4)-[alpha-L-fucopyranose-(1-6)]2-acetamido-2-deoxy-beta-D-glucopyranose
3 water water
#
_entity_poly.entity_id   1
_entity_poly.type   'polypeptide(L)'
_entity_poly.pdbx_seq_one_letter_code
;DKTHTCPPCPAPELLGGPSVFLFPPKPKDTLMISRTPEVTCVVVDVSHEDPEVKFNWYVDGVEVHNAKTKPREEQYNSTY
RVVSVLTVLHQDWLNGKEYKCKVSNKALPAPIEKTISKAKGQPREPQVYTLPPCRDELTKNQVSLWCLVKGFYPSDIAVE
WESNGQPENNYKTTPPVLDSDGSFFLYSKLTVDKSRWQQGNVFSCSVMHEALHNHYTQKSLSLSPGK
;
_entity_poly.pdbx_strand_id   A,C
#
loop_
_chem_comp.id
_chem_comp.type
_chem_comp.name
_chem_comp.formula
BMA D-saccharide, beta linking beta-D-mannopyranose 'C6 H12 O6'
FUC L-saccharide, alpha linking alpha-L-fucopyranose 'C6 H12 O5'
GAL D-saccharide, beta linking beta-D-galactopyranose 'C6 H12 O6'
NAG D-saccharide, beta linking 2-acetamido-2-deoxy-beta-D-glucopyranose 'C8 H15 N O6'
#
# COMPACT_ATOMS: atom_id res chain seq x y z
N GLY A 16 7.59 23.90 18.84
CA GLY A 16 6.92 22.82 18.04
C GLY A 16 5.60 22.37 18.67
N GLY A 17 5.64 21.96 19.95
CA GLY A 17 4.44 21.52 20.72
C GLY A 17 4.24 20.00 20.60
N PRO A 18 3.63 19.32 21.60
CA PRO A 18 3.58 17.83 21.41
C PRO A 18 2.72 17.33 20.25
N SER A 19 2.98 16.11 19.75
CA SER A 19 2.12 15.46 18.78
C SER A 19 1.59 14.15 19.34
N VAL A 20 0.39 13.71 18.87
CA VAL A 20 -0.28 12.54 19.42
C VAL A 20 -0.52 11.54 18.26
N PHE A 21 -0.19 10.28 18.47
CA PHE A 21 -0.53 9.21 17.47
C PHE A 21 -1.29 8.16 18.22
N LEU A 22 -2.39 7.68 17.64
CA LEU A 22 -3.25 6.68 18.25
C LEU A 22 -3.30 5.44 17.40
N PHE A 23 -2.93 4.31 17.99
CA PHE A 23 -2.70 3.09 17.19
C PHE A 23 -3.78 2.11 17.58
N PRO A 24 -4.28 1.35 16.58
CA PRO A 24 -5.24 0.31 16.81
C PRO A 24 -4.63 -0.97 17.37
N PRO A 25 -5.47 -1.85 17.85
CA PRO A 25 -4.99 -3.22 18.12
C PRO A 25 -4.62 -3.91 16.81
N LYS A 26 -3.84 -4.94 16.91
CA LYS A 26 -3.52 -5.83 15.77
C LYS A 26 -4.79 -6.65 15.45
N PRO A 27 -5.08 -6.86 14.17
CA PRO A 27 -6.31 -7.67 13.86
C PRO A 27 -6.33 -9.01 14.51
N LYS A 28 -5.18 -9.74 14.55
CA LYS A 28 -5.15 -11.03 15.12
C LYS A 28 -5.58 -10.98 16.58
N ASP A 29 -5.22 -9.90 17.26
CA ASP A 29 -5.51 -9.86 18.70
C ASP A 29 -6.97 -9.59 18.97
N THR A 30 -7.68 -8.90 18.05
CA THR A 30 -9.10 -8.73 18.29
C THR A 30 -9.92 -10.00 17.92
N LEU A 31 -9.34 -10.86 17.11
CA LEU A 31 -10.02 -12.04 16.53
C LEU A 31 -9.84 -13.32 17.34
N MET A 32 -8.82 -13.30 18.19
CA MET A 32 -8.50 -14.49 19.02
C MET A 32 -8.76 -14.17 20.46
N ILE A 33 -9.74 -14.87 21.03
CA ILE A 33 -10.15 -14.49 22.38
C ILE A 33 -9.00 -14.62 23.38
N SER A 34 -8.01 -15.45 23.06
CA SER A 34 -6.89 -15.67 24.03
C SER A 34 -5.90 -14.52 24.03
N ARG A 35 -5.91 -13.69 22.97
CA ARG A 35 -5.00 -12.56 22.90
C ARG A 35 -5.63 -11.34 23.56
N THR A 36 -4.81 -10.33 23.84
CA THR A 36 -5.25 -9.17 24.50
C THR A 36 -5.09 -7.97 23.57
N PRO A 37 -6.19 -7.54 22.95
CA PRO A 37 -6.04 -6.36 22.05
C PRO A 37 -5.97 -5.00 22.86
N GLU A 38 -5.22 -4.06 22.31
CA GLU A 38 -4.99 -2.72 22.98
C GLU A 38 -5.04 -1.64 21.99
N VAL A 39 -5.57 -0.52 22.43
CA VAL A 39 -5.37 0.69 21.72
C VAL A 39 -4.25 1.54 22.45
N THR A 40 -3.34 2.11 21.67
CA THR A 40 -2.13 2.78 22.22
C THR A 40 -2.02 4.27 21.80
N CYS A 41 -2.11 5.16 22.77
CA CYS A 41 -1.99 6.54 22.52
C CYS A 41 -0.58 7.04 22.85
N VAL A 42 0.13 7.59 21.87
CA VAL A 42 1.59 7.89 22.09
C VAL A 42 1.78 9.37 21.98
N VAL A 43 2.49 10.01 22.94
CA VAL A 43 2.60 11.45 22.81
C VAL A 43 4.10 11.68 22.63
N VAL A 44 4.48 12.42 21.60
CA VAL A 44 5.91 12.73 21.43
C VAL A 44 6.15 14.26 21.41
N ASP A 45 7.42 14.63 21.47
CA ASP A 45 7.80 16.07 21.50
C ASP A 45 7.27 16.78 22.74
N VAL A 46 7.21 16.02 23.84
CA VAL A 46 6.93 16.59 25.13
C VAL A 46 8.20 17.36 25.65
N SER A 47 8.05 18.62 26.03
CA SER A 47 9.25 19.43 26.32
C SER A 47 9.72 19.22 27.74
N HIS A 48 10.96 19.64 28.06
CA HIS A 48 11.39 19.58 29.46
C HIS A 48 10.70 20.64 30.33
N GLU A 49 10.34 21.74 29.71
CA GLU A 49 9.72 22.87 30.44
C GLU A 49 8.28 22.55 30.88
N ASP A 50 7.57 21.69 30.13
CA ASP A 50 6.19 21.28 30.48
C ASP A 50 6.06 19.80 30.21
N PRO A 51 6.56 18.99 31.14
CA PRO A 51 6.68 17.55 30.96
C PRO A 51 5.41 16.77 31.33
N GLU A 52 4.49 17.36 32.11
CA GLU A 52 3.31 16.62 32.53
C GLU A 52 2.33 16.41 31.41
N VAL A 53 1.80 15.18 31.31
CA VAL A 53 0.89 14.85 30.21
C VAL A 53 -0.27 14.11 30.90
N LYS A 54 -1.50 14.57 30.66
CA LYS A 54 -2.67 13.91 31.19
C LYS A 54 -3.40 13.25 30.01
N PHE A 55 -3.82 12.02 30.21
CA PHE A 55 -4.68 11.31 29.22
C PHE A 55 -6.08 11.18 29.78
N ASN A 56 -7.06 11.47 28.94
CA ASN A 56 -8.40 10.95 29.20
C ASN A 56 -8.82 10.03 28.07
N TRP A 57 -9.48 8.96 28.42
CA TRP A 57 -9.91 7.98 27.34
C TRP A 57 -11.43 7.94 27.32
N TYR A 58 -12.03 7.68 26.13
CA TYR A 58 -13.46 7.57 26.07
C TYR A 58 -13.80 6.45 25.06
N VAL A 59 -14.90 5.77 25.36
CA VAL A 59 -15.39 4.71 24.51
C VAL A 59 -16.81 5.13 24.15
N ASP A 60 -17.04 5.37 22.86
CA ASP A 60 -18.25 6.02 22.41
C ASP A 60 -18.60 7.28 23.21
N GLY A 61 -17.59 8.13 23.41
CA GLY A 61 -17.76 9.36 24.20
C GLY A 61 -18.04 9.24 25.68
N VAL A 62 -18.04 8.03 26.25
CA VAL A 62 -18.21 7.85 27.71
C VAL A 62 -16.80 7.68 28.27
N GLU A 63 -16.40 8.47 29.29
CA GLU A 63 -15.05 8.32 29.88
C GLU A 63 -14.86 6.94 30.54
N VAL A 64 -13.71 6.30 30.25
CA VAL A 64 -13.26 5.08 30.93
C VAL A 64 -11.97 5.33 31.70
N HIS A 65 -11.77 4.57 32.74
CA HIS A 65 -10.74 4.91 33.73
C HIS A 65 -9.71 3.81 33.91
N ASN A 66 -9.79 2.76 33.10
CA ASN A 66 -8.85 1.62 33.21
C ASN A 66 -7.53 1.57 32.34
N ALA A 67 -7.22 2.64 31.61
CA ALA A 67 -6.04 2.68 30.83
C ALA A 67 -4.81 2.65 31.75
N LYS A 68 -3.73 2.15 31.18
CA LYS A 68 -2.46 2.06 31.93
C LYS A 68 -1.46 2.97 31.29
N THR A 69 -0.96 3.95 32.02
CA THR A 69 -0.11 4.98 31.42
C THR A 69 1.29 4.79 31.97
N LYS A 70 2.30 4.79 31.12
CA LYS A 70 3.66 4.49 31.51
C LYS A 70 4.36 5.76 31.96
N PRO A 71 5.38 5.66 32.85
CA PRO A 71 6.21 6.85 33.07
C PRO A 71 6.78 7.48 31.78
N ARG A 72 6.85 8.81 31.71
CA ARG A 72 7.47 9.46 30.54
C ARG A 72 8.93 8.97 30.35
N GLU A 73 9.41 8.90 29.12
CA GLU A 73 10.75 8.43 28.77
C GLU A 73 11.45 9.45 27.91
N GLU A 74 12.63 9.87 28.33
CA GLU A 74 13.39 10.85 27.58
C GLU A 74 14.00 10.20 26.35
N GLN A 75 13.77 10.80 25.21
CA GLN A 75 14.32 10.38 23.95
C GLN A 75 15.68 11.00 23.67
N TYR A 76 16.41 10.41 22.71
CA TYR A 76 17.77 10.89 22.43
C TYR A 76 17.81 12.25 21.83
N ASN A 77 16.65 12.85 21.54
CA ASN A 77 16.60 14.25 21.00
C ASN A 77 16.13 15.18 22.10
N SER A 78 16.19 14.68 23.32
CA SER A 78 15.86 15.45 24.51
C SER A 78 14.40 15.89 24.73
N THR A 79 13.47 15.19 24.12
CA THR A 79 12.05 15.41 24.39
C THR A 79 11.59 14.12 24.99
N TYR A 80 10.43 14.16 25.67
CA TYR A 80 9.87 12.99 26.26
C TYR A 80 8.87 12.36 25.37
N ARG A 81 8.73 11.06 25.52
CA ARG A 81 7.65 10.26 24.87
C ARG A 81 6.83 9.64 25.97
N VAL A 82 5.49 9.76 25.93
CA VAL A 82 4.68 9.21 26.99
C VAL A 82 3.58 8.30 26.35
N VAL A 83 3.37 7.09 26.83
CA VAL A 83 2.41 6.20 26.14
C VAL A 83 1.34 5.80 27.13
N SER A 84 0.08 5.85 26.69
CA SER A 84 -1.00 5.28 27.41
C SER A 84 -1.64 4.13 26.66
N VAL A 85 -1.86 3.03 27.36
CA VAL A 85 -2.46 1.80 26.76
C VAL A 85 -3.81 1.53 27.34
N LEU A 86 -4.79 1.35 26.46
CA LEU A 86 -6.14 0.95 26.89
C LEU A 86 -6.49 -0.44 26.42
N THR A 87 -6.72 -1.41 27.29
CA THR A 87 -7.15 -2.70 26.75
CA THR A 87 -7.18 -2.72 26.83
C THR A 87 -8.60 -2.64 26.34
N VAL A 88 -8.89 -3.28 25.22
CA VAL A 88 -10.32 -3.21 24.68
C VAL A 88 -10.92 -4.63 24.74
N LEU A 89 -12.24 -4.73 24.86
CA LEU A 89 -12.89 -6.05 24.71
C LEU A 89 -12.98 -6.30 23.22
N HIS A 90 -12.71 -7.57 22.86
CA HIS A 90 -12.63 -7.99 21.51
C HIS A 90 -14.02 -7.62 20.90
N GLN A 91 -15.09 -7.93 21.63
CA GLN A 91 -16.43 -7.77 20.98
C GLN A 91 -16.75 -6.25 20.88
N ASP A 92 -16.23 -5.43 21.81
CA ASP A 92 -16.39 -3.97 21.64
C ASP A 92 -15.73 -3.48 20.38
N TRP A 93 -14.51 -3.90 20.12
CA TRP A 93 -13.81 -3.42 18.98
C TRP A 93 -14.52 -3.92 17.73
N LEU A 94 -14.90 -5.21 17.76
CA LEU A 94 -15.56 -5.75 16.56
C LEU A 94 -17.00 -5.12 16.30
N ASN A 95 -17.66 -4.62 17.33
CA ASN A 95 -18.95 -3.93 17.23
C ASN A 95 -18.75 -2.43 16.87
N GLY A 96 -17.56 -2.08 16.46
CA GLY A 96 -17.18 -0.74 15.92
C GLY A 96 -17.24 0.33 17.00
N LYS A 97 -17.00 0.01 18.28
CA LYS A 97 -17.04 1.14 19.27
C LYS A 97 -15.93 2.16 18.89
N GLU A 98 -16.03 3.41 19.29
CA GLU A 98 -15.00 4.39 18.95
C GLU A 98 -14.14 4.71 20.21
N TYR A 99 -12.84 4.70 19.99
CA TYR A 99 -11.86 4.89 21.15
C TYR A 99 -11.22 6.24 20.94
N LYS A 100 -11.44 7.16 21.89
CA LYS A 100 -10.80 8.43 21.80
C LYS A 100 -9.79 8.66 22.93
N CYS A 101 -8.63 9.24 22.57
CA CYS A 101 -7.54 9.55 23.50
C CYS A 101 -7.52 11.05 23.51
N LYS A 102 -7.59 11.67 24.69
CA LYS A 102 -7.46 13.11 24.76
C LYS A 102 -6.22 13.38 25.64
N VAL A 103 -5.37 14.25 25.11
CA VAL A 103 -4.04 14.50 25.68
C VAL A 103 -3.97 15.96 26.09
N SER A 104 -3.70 16.21 27.37
CA SER A 104 -3.56 17.63 27.83
C SER A 104 -2.10 17.82 28.23
N ASN A 105 -1.57 19.03 28.00
CA ASN A 105 -0.18 19.35 28.34
C ASN A 105 -0.16 20.89 28.43
N LYS A 106 0.58 21.42 29.41
CA LYS A 106 0.61 22.90 29.61
C LYS A 106 1.12 23.70 28.40
N ALA A 107 1.88 23.07 27.53
CA ALA A 107 2.38 23.74 26.33
C ALA A 107 1.34 23.80 25.22
N LEU A 108 0.16 23.23 25.42
CA LEU A 108 -0.82 23.18 24.31
C LEU A 108 -1.86 24.28 24.50
N PRO A 109 -2.31 24.88 23.40
CA PRO A 109 -3.38 25.91 23.57
C PRO A 109 -4.69 25.25 24.02
N ALA A 110 -4.84 23.96 23.66
CA ALA A 110 -6.03 23.23 23.94
C ALA A 110 -5.66 21.74 23.89
N PRO A 111 -6.44 20.90 24.58
CA PRO A 111 -6.22 19.44 24.52
C PRO A 111 -6.28 18.92 23.08
N ILE A 112 -5.42 17.95 22.75
CA ILE A 112 -5.47 17.25 21.46
C ILE A 112 -6.32 16.00 21.59
N GLU A 113 -7.20 15.70 20.63
CA GLU A 113 -7.98 14.44 20.68
C GLU A 113 -7.77 13.64 19.43
N LYS A 114 -7.73 12.31 19.56
CA LYS A 114 -7.60 11.42 18.41
C LYS A 114 -8.65 10.34 18.70
N THR A 115 -9.32 9.88 17.64
CA THR A 115 -10.29 8.82 17.74
C THR A 115 -9.99 7.71 16.73
N ILE A 116 -10.19 6.47 17.11
CA ILE A 116 -10.00 5.35 16.19
C ILE A 116 -11.08 4.31 16.36
N SER A 117 -11.33 3.51 15.30
CA SER A 117 -12.36 2.50 15.39
C SER A 117 -12.10 1.59 14.19
N LYS A 118 -12.71 0.42 14.17
CA LYS A 118 -12.52 -0.36 12.99
C LYS A 118 -13.40 0.24 11.83
N ALA A 119 -12.88 0.12 10.66
CA ALA A 119 -13.61 0.17 9.36
C ALA A 119 -15.14 -0.09 9.37
N LYS A 120 -15.92 0.91 9.00
CA LYS A 120 -17.35 0.79 8.96
C LYS A 120 -17.77 -0.32 7.91
N GLY A 121 -19.06 -0.52 7.62
CA GLY A 121 -19.44 -1.55 6.63
C GLY A 121 -19.62 -3.02 7.05
N GLN A 122 -20.51 -3.66 6.32
CA GLN A 122 -20.91 -5.03 6.61
C GLN A 122 -19.84 -6.05 6.32
N PRO A 123 -19.75 -7.08 7.14
CA PRO A 123 -18.61 -7.91 6.92
C PRO A 123 -18.95 -8.88 5.82
N ARG A 124 -17.92 -9.30 5.08
CA ARG A 124 -18.08 -10.34 4.05
C ARG A 124 -16.96 -11.36 4.21
N GLU A 125 -17.35 -12.62 4.15
CA GLU A 125 -16.45 -13.74 4.34
C GLU A 125 -15.46 -14.00 3.19
N PRO A 126 -14.13 -13.94 3.47
CA PRO A 126 -13.18 -14.27 2.43
C PRO A 126 -13.32 -15.72 1.87
N GLN A 127 -13.06 -15.86 0.57
CA GLN A 127 -12.86 -17.11 -0.09
C GLN A 127 -11.37 -17.31 -0.09
N VAL A 128 -10.89 -18.49 0.32
CA VAL A 128 -9.44 -18.74 0.42
C VAL A 128 -8.96 -19.87 -0.50
N TYR A 129 -7.94 -19.61 -1.33
CA TYR A 129 -7.39 -20.64 -2.30
C TYR A 129 -5.86 -20.69 -2.30
N THR A 130 -5.27 -21.86 -2.51
CA THR A 130 -3.81 -21.90 -2.61
C THR A 130 -3.39 -22.41 -4.01
N LEU A 131 -2.11 -22.20 -4.34
CA LEU A 131 -1.60 -22.42 -5.70
C LEU A 131 -0.17 -22.88 -5.72
N PRO A 132 0.11 -23.89 -6.56
CA PRO A 132 1.43 -24.50 -6.61
C PRO A 132 2.43 -23.57 -7.27
N PRO A 133 3.73 -23.94 -7.28
CA PRO A 133 4.63 -22.99 -7.94
C PRO A 133 4.34 -22.96 -9.42
N CYS A 134 4.75 -21.88 -10.08
CA CYS A 134 4.55 -21.81 -11.54
C CYS A 134 5.43 -22.91 -12.08
N ARG A 135 4.83 -23.82 -12.84
CA ARG A 135 5.56 -25.01 -13.24
C ARG A 135 6.93 -24.70 -13.86
N ASP A 136 7.04 -23.58 -14.56
CA ASP A 136 8.36 -23.12 -14.97
C ASP A 136 9.40 -23.09 -13.82
N GLU A 137 9.02 -22.60 -12.63
CA GLU A 137 9.94 -22.53 -11.46
C GLU A 137 10.51 -23.89 -11.01
N LEU A 138 9.93 -24.97 -11.54
CA LEU A 138 10.30 -26.33 -11.14
C LEU A 138 11.66 -26.77 -11.67
N THR A 139 12.69 -25.96 -11.44
CA THR A 139 14.09 -26.39 -11.52
C THR A 139 14.98 -25.46 -10.71
N LYS A 140 14.37 -24.44 -10.12
CA LYS A 140 15.13 -23.43 -9.41
C LYS A 140 15.64 -23.95 -8.07
N ASN A 141 16.49 -23.16 -7.42
CA ASN A 141 16.91 -23.36 -6.04
C ASN A 141 15.68 -23.38 -5.12
N GLN A 142 14.67 -22.61 -5.52
CA GLN A 142 13.49 -22.32 -4.69
C GLN A 142 12.18 -22.29 -5.47
N VAL A 143 11.07 -22.28 -4.73
CA VAL A 143 9.74 -22.22 -5.32
C VAL A 143 8.81 -21.37 -4.44
N SER A 144 7.79 -20.82 -5.09
CA SER A 144 6.88 -19.88 -4.51
C SER A 144 5.55 -20.53 -4.36
N LEU A 145 4.99 -20.42 -3.16
CA LEU A 145 3.67 -20.93 -2.92
C LEU A 145 2.73 -19.73 -2.71
N TRP A 146 1.50 -19.84 -3.22
CA TRP A 146 0.58 -18.71 -3.23
C TRP A 146 -0.66 -18.97 -2.43
N CYS A 147 -1.17 -17.92 -1.77
CA CYS A 147 -2.44 -18.02 -1.10
C CYS A 147 -3.28 -16.81 -1.54
N LEU A 148 -4.42 -17.08 -2.16
CA LEU A 148 -5.36 -16.06 -2.59
C LEU A 148 -6.46 -15.86 -1.55
N VAL A 149 -6.70 -14.61 -1.14
CA VAL A 149 -7.79 -14.36 -0.24
C VAL A 149 -8.71 -13.33 -0.85
N LYS A 150 -9.94 -13.71 -1.21
CA LYS A 150 -10.73 -12.71 -1.91
C LYS A 150 -12.19 -12.57 -1.46
N GLY A 151 -12.72 -11.38 -1.68
CA GLY A 151 -14.05 -11.04 -1.28
C GLY A 151 -14.28 -10.72 0.19
N PHE A 152 -13.24 -10.32 0.93
CA PHE A 152 -13.45 -10.04 2.37
C PHE A 152 -13.80 -8.61 2.63
N TYR A 153 -14.52 -8.38 3.73
CA TYR A 153 -14.80 -7.02 4.16
C TYR A 153 -15.09 -7.22 5.68
N PRO A 154 -14.49 -6.39 6.52
CA PRO A 154 -13.62 -5.21 6.30
C PRO A 154 -12.19 -5.60 5.95
N SER A 155 -11.34 -4.61 5.72
CA SER A 155 -9.98 -4.91 5.25
C SER A 155 -9.10 -5.53 6.30
N ASP A 156 -9.36 -5.32 7.60
CA ASP A 156 -8.52 -5.87 8.65
C ASP A 156 -8.44 -7.40 8.56
N ILE A 157 -7.22 -7.96 8.54
CA ILE A 157 -7.09 -9.43 8.35
C ILE A 157 -5.67 -9.84 8.77
N ALA A 158 -5.46 -11.12 9.08
CA ALA A 158 -4.14 -11.66 9.29
C ALA A 158 -3.97 -12.89 8.44
N VAL A 159 -2.79 -13.04 7.83
CA VAL A 159 -2.48 -14.20 7.00
C VAL A 159 -1.13 -14.76 7.38
N GLU A 160 -1.11 -16.04 7.68
CA GLU A 160 0.14 -16.62 8.09
C GLU A 160 0.38 -17.87 7.31
N TRP A 161 1.63 -18.33 7.39
CA TRP A 161 2.02 -19.63 6.87
C TRP A 161 2.65 -20.49 7.98
N GLU A 162 2.32 -21.77 7.95
CA GLU A 162 2.87 -22.75 8.86
C GLU A 162 3.14 -24.09 8.12
N SER A 163 3.92 -24.97 8.75
CA SER A 163 4.10 -26.35 8.27
C SER A 163 4.29 -27.30 9.45
N ASN A 164 3.58 -28.45 9.41
CA ASN A 164 3.52 -29.40 10.56
C ASN A 164 3.40 -28.67 11.90
N GLY A 165 2.46 -27.72 11.94
CA GLY A 165 2.25 -26.85 13.11
C GLY A 165 3.45 -25.99 13.48
N GLN A 166 4.18 -25.50 12.48
CA GLN A 166 5.34 -24.65 12.75
C GLN A 166 5.29 -23.38 11.91
N PRO A 167 5.29 -22.20 12.57
CA PRO A 167 5.27 -20.93 11.84
C PRO A 167 6.43 -20.76 10.85
N GLU A 168 6.13 -20.86 9.54
CA GLU A 168 7.05 -20.43 8.46
C GLU A 168 7.37 -18.95 8.58
N ASN A 169 8.08 -18.37 7.61
CA ASN A 169 8.22 -16.90 7.64
C ASN A 169 8.73 -16.20 6.39
N ASN A 170 9.20 -16.98 5.42
CA ASN A 170 9.68 -16.40 4.22
C ASN A 170 8.48 -16.19 3.27
N TYR A 171 7.59 -15.27 3.67
CA TYR A 171 6.41 -14.87 2.83
C TYR A 171 6.22 -13.40 2.81
N LYS A 172 5.59 -12.96 1.73
CA LYS A 172 5.24 -11.56 1.51
C LYS A 172 3.78 -11.60 1.08
N THR A 173 3.00 -10.66 1.60
CA THR A 173 1.58 -10.63 1.40
C THR A 173 1.28 -9.25 0.86
N THR A 174 0.52 -9.17 -0.25
CA THR A 174 0.14 -7.84 -0.75
C THR A 174 -0.74 -7.15 0.25
N PRO A 175 -0.80 -5.79 0.27
CA PRO A 175 -1.84 -5.18 1.10
C PRO A 175 -3.23 -5.60 0.59
N PRO A 176 -4.29 -5.41 1.39
CA PRO A 176 -5.59 -5.70 0.75
C PRO A 176 -5.84 -4.75 -0.41
N VAL A 177 -6.52 -5.18 -1.50
CA VAL A 177 -6.76 -4.29 -2.61
C VAL A 177 -8.24 -4.17 -2.78
N LEU A 178 -8.71 -2.94 -2.77
CA LEU A 178 -10.12 -2.73 -2.92
C LEU A 178 -10.51 -3.11 -4.33
N ASP A 179 -11.46 -4.01 -4.37
CA ASP A 179 -11.99 -4.52 -5.58
C ASP A 179 -13.18 -3.67 -6.03
N SER A 180 -13.65 -3.86 -7.26
CA SER A 180 -14.70 -3.00 -7.79
C SER A 180 -16.00 -3.19 -6.98
N ASP A 181 -16.18 -4.38 -6.43
CA ASP A 181 -17.41 -4.73 -5.71
C ASP A 181 -17.43 -4.22 -4.27
N GLY A 182 -16.43 -3.44 -3.89
CA GLY A 182 -16.34 -2.93 -2.53
C GLY A 182 -15.71 -3.92 -1.57
N SER A 183 -15.60 -5.20 -1.94
CA SER A 183 -14.83 -6.19 -1.13
C SER A 183 -13.33 -6.10 -1.40
N PHE A 184 -12.52 -6.79 -0.61
CA PHE A 184 -11.10 -6.75 -0.79
C PHE A 184 -10.56 -8.13 -1.22
N PHE A 185 -9.41 -8.10 -1.88
CA PHE A 185 -8.63 -9.34 -2.12
C PHE A 185 -7.15 -9.05 -1.85
N LEU A 186 -6.37 -10.11 -1.66
CA LEU A 186 -4.91 -10.00 -1.57
C LEU A 186 -4.30 -11.39 -1.88
N TYR A 187 -2.99 -11.43 -2.06
CA TYR A 187 -2.31 -12.72 -2.28
C TYR A 187 -1.19 -12.78 -1.26
N SER A 188 -0.85 -13.98 -0.81
CA SER A 188 0.34 -14.12 -0.06
C SER A 188 1.19 -15.15 -0.82
N LYS A 189 2.51 -14.90 -0.77
CA LYS A 189 3.51 -15.67 -1.52
C LYS A 189 4.59 -16.19 -0.55
N LEU A 190 4.57 -17.47 -0.24
CA LEU A 190 5.63 -18.08 0.57
C LEU A 190 6.67 -18.73 -0.35
N THR A 191 7.94 -18.40 -0.11
CA THR A 191 9.01 -18.98 -0.91
C THR A 191 9.86 -19.93 -0.07
N VAL A 192 9.96 -21.18 -0.53
CA VAL A 192 10.77 -22.26 0.11
C VAL A 192 11.77 -23.01 -0.82
N ASP A 193 12.35 -24.10 -0.29
CA ASP A 193 13.37 -24.85 -1.00
C ASP A 193 12.71 -25.84 -1.92
N LYS A 194 13.17 -25.83 -3.16
CA LYS A 194 12.67 -26.70 -4.21
C LYS A 194 12.49 -28.10 -3.62
N SER A 195 13.55 -28.59 -2.98
CA SER A 195 13.53 -29.88 -2.30
C SER A 195 12.15 -30.25 -1.72
N ARG A 196 11.72 -29.49 -0.72
CA ARG A 196 10.59 -29.81 0.17
C ARG A 196 9.26 -30.03 -0.54
N TRP A 197 9.01 -29.24 -1.57
CA TRP A 197 7.78 -29.34 -2.34
C TRP A 197 7.67 -30.68 -3.06
N GLN A 198 8.78 -31.17 -3.62
CA GLN A 198 8.86 -32.52 -4.18
C GLN A 198 8.89 -33.53 -3.05
N GLN A 199 9.79 -33.30 -2.10
CA GLN A 199 9.82 -34.07 -0.85
C GLN A 199 8.42 -34.27 -0.27
N GLY A 200 7.53 -33.35 -0.58
CA GLY A 200 6.10 -33.54 -0.37
C GLY A 200 5.59 -33.05 0.96
N ASN A 201 6.45 -32.31 1.68
CA ASN A 201 6.04 -31.59 2.88
C ASN A 201 4.78 -30.79 2.59
N VAL A 202 3.91 -30.65 3.59
CA VAL A 202 2.62 -29.96 3.41
C VAL A 202 2.64 -28.58 4.03
N PHE A 203 2.36 -27.58 3.19
CA PHE A 203 2.37 -26.16 3.61
C PHE A 203 0.98 -25.63 3.76
N SER A 204 0.82 -24.73 4.72
CA SER A 204 -0.50 -24.30 5.12
C SER A 204 -0.59 -22.78 5.21
N CYS A 205 -1.58 -22.25 4.51
CA CYS A 205 -1.97 -20.85 4.56
C CYS A 205 -3.10 -20.60 5.59
N SER A 206 -2.85 -19.79 6.62
CA SER A 206 -3.83 -19.50 7.68
C SER A 206 -4.40 -18.12 7.53
N VAL A 207 -5.72 -18.01 7.55
CA VAL A 207 -6.34 -16.66 7.40
C VAL A 207 -7.22 -16.35 8.62
N MET A 208 -7.05 -15.17 9.23
CA MET A 208 -7.96 -14.81 10.31
C MET A 208 -8.71 -13.54 9.99
N HIS A 209 -10.04 -13.63 10.10
CA HIS A 209 -10.87 -12.51 9.62
C HIS A 209 -12.17 -12.61 10.41
N GLU A 210 -12.77 -11.46 10.78
CA GLU A 210 -14.00 -11.46 11.57
C GLU A 210 -15.17 -12.21 10.89
N ALA A 211 -15.12 -12.35 9.58
CA ALA A 211 -16.34 -12.90 8.89
C ALA A 211 -16.19 -14.43 8.71
N LEU A 212 -15.02 -14.98 9.08
CA LEU A 212 -14.88 -16.43 9.19
C LEU A 212 -15.47 -17.08 10.45
N HIS A 213 -15.92 -18.34 10.26
CA HIS A 213 -16.32 -19.17 11.38
C HIS A 213 -15.11 -19.39 12.30
N ASN A 214 -15.30 -19.15 13.60
CA ASN A 214 -14.18 -19.12 14.60
C ASN A 214 -13.05 -18.18 14.20
N HIS A 215 -13.38 -17.24 13.31
CA HIS A 215 -12.46 -16.23 12.84
C HIS A 215 -11.25 -16.77 12.17
N TYR A 216 -11.32 -17.98 11.62
CA TYR A 216 -10.13 -18.66 11.22
C TYR A 216 -10.45 -19.72 10.13
N THR A 217 -9.54 -19.84 9.16
CA THR A 217 -9.64 -20.96 8.25
C THR A 217 -8.28 -21.20 7.71
N GLN A 218 -8.03 -22.39 7.19
CA GLN A 218 -6.69 -22.66 6.77
C GLN A 218 -6.75 -23.58 5.51
N LYS A 219 -5.93 -23.29 4.51
CA LYS A 219 -5.89 -24.12 3.28
C LYS A 219 -4.48 -24.64 3.09
N SER A 220 -4.35 -25.93 2.77
CA SER A 220 -3.03 -26.54 2.57
C SER A 220 -2.85 -27.06 1.16
N LEU A 221 -1.60 -27.32 0.82
CA LEU A 221 -1.22 -27.96 -0.43
C LEU A 221 0.22 -28.49 -0.31
N SER A 222 0.57 -29.45 -1.17
CA SER A 222 1.95 -30.01 -1.28
C SER A 222 2.08 -30.75 -2.62
N LEU A 223 3.30 -31.23 -2.93
CA LEU A 223 3.58 -31.83 -4.26
C LEU A 223 2.35 -32.27 -5.08
N GLY B 17 4.67 28.73 6.97
CA GLY B 17 4.93 28.64 5.50
C GLY B 17 4.33 27.40 4.84
N PRO B 18 4.53 27.26 3.52
CA PRO B 18 3.97 26.18 2.70
C PRO B 18 4.87 24.93 2.64
N SER B 19 4.30 23.79 2.27
CA SER B 19 5.07 22.54 1.97
C SER B 19 5.34 22.35 0.46
N VAL B 20 6.45 21.66 0.15
CA VAL B 20 6.82 21.21 -1.22
C VAL B 20 6.78 19.67 -1.32
N PHE B 21 6.23 19.17 -2.44
CA PHE B 21 6.23 17.72 -2.79
C PHE B 21 6.51 17.64 -4.28
N LEU B 22 7.40 16.71 -4.69
CA LEU B 22 7.89 16.57 -6.08
C LEU B 22 7.67 15.15 -6.62
N PHE B 23 6.91 15.02 -7.70
CA PHE B 23 6.39 13.73 -8.10
C PHE B 23 6.97 13.22 -9.43
N PRO B 24 7.28 11.91 -9.51
CA PRO B 24 7.90 11.45 -10.74
C PRO B 24 6.91 11.39 -11.88
N PRO B 25 7.42 11.10 -13.10
CA PRO B 25 6.48 10.82 -14.17
C PRO B 25 5.86 9.43 -14.02
N LYS B 26 4.88 9.18 -14.88
CA LYS B 26 4.20 7.88 -14.88
C LYS B 26 4.96 6.80 -15.66
N PRO B 27 4.99 5.56 -15.13
CA PRO B 27 5.85 4.56 -15.79
C PRO B 27 5.67 4.37 -17.26
N LYS B 28 4.41 4.24 -17.66
CA LYS B 28 4.00 4.19 -19.03
C LYS B 28 4.54 5.36 -19.86
N ASP B 29 4.57 6.57 -19.27
CA ASP B 29 4.93 7.79 -20.06
C ASP B 29 6.42 7.77 -20.46
N THR B 30 7.24 7.20 -19.58
CA THR B 30 8.67 7.02 -19.87
C THR B 30 9.00 5.91 -20.90
N LEU B 31 8.11 4.94 -21.05
CA LEU B 31 8.43 3.74 -21.86
C LEU B 31 7.93 3.82 -23.29
N MET B 32 7.10 4.81 -23.58
CA MET B 32 6.57 4.95 -24.94
C MET B 32 6.87 6.31 -25.50
N ILE B 33 7.66 6.38 -26.58
CA ILE B 33 8.19 7.66 -27.10
C ILE B 33 7.03 8.56 -27.54
N SER B 34 5.84 7.99 -27.72
CA SER B 34 4.69 8.77 -28.19
C SER B 34 4.08 9.58 -27.04
N ARG B 35 4.34 9.14 -25.80
CA ARG B 35 3.81 9.80 -24.62
C ARG B 35 4.79 10.87 -24.11
N THR B 36 4.35 11.79 -23.23
CA THR B 36 5.18 12.92 -22.73
C THR B 36 5.33 12.80 -21.24
N PRO B 37 6.47 12.22 -20.79
CA PRO B 37 6.71 12.03 -19.36
C PRO B 37 6.98 13.38 -18.64
N GLU B 38 6.40 13.59 -17.44
CA GLU B 38 6.60 14.84 -16.64
C GLU B 38 6.85 14.62 -15.15
N VAL B 39 7.85 15.35 -14.62
CA VAL B 39 7.94 15.59 -13.18
C VAL B 39 7.14 16.82 -12.74
N THR B 40 6.65 16.78 -11.51
CA THR B 40 5.60 17.68 -11.09
C THR B 40 5.83 18.19 -9.67
N CYS B 41 5.99 19.54 -9.52
CA CYS B 41 6.35 20.21 -8.23
C CYS B 41 5.11 20.88 -7.63
N VAL B 42 4.66 20.39 -6.48
CA VAL B 42 3.39 20.83 -5.87
C VAL B 42 3.72 21.60 -4.59
N VAL B 43 3.10 22.78 -4.45
CA VAL B 43 3.25 23.56 -3.20
C VAL B 43 1.89 23.68 -2.54
N VAL B 44 1.76 23.23 -1.28
CA VAL B 44 0.50 23.46 -0.54
C VAL B 44 0.64 24.62 0.46
N ASP B 45 -0.50 25.11 0.97
CA ASP B 45 -0.49 26.10 2.06
C ASP B 45 0.24 27.41 1.67
N VAL B 46 0.05 27.84 0.43
CA VAL B 46 0.48 29.19 0.01
C VAL B 46 -0.61 30.21 0.40
N SER B 47 -0.25 31.16 1.28
CA SER B 47 -1.16 32.25 1.66
C SER B 47 -1.18 33.42 0.65
N HIS B 48 -1.96 34.42 0.97
CA HIS B 48 -2.21 35.49 0.03
C HIS B 48 -1.23 36.67 0.16
N GLU B 49 -0.48 36.71 1.27
CA GLU B 49 0.47 37.82 1.55
C GLU B 49 1.61 37.84 0.53
N ASP B 50 2.33 36.72 0.49
CA ASP B 50 3.32 36.49 -0.52
C ASP B 50 2.74 35.34 -1.27
N PRO B 51 1.79 35.62 -2.20
CA PRO B 51 1.28 34.54 -3.04
C PRO B 51 2.36 34.24 -4.08
N GLU B 52 3.45 35.00 -4.00
CA GLU B 52 4.60 34.94 -4.91
C GLU B 52 5.47 33.68 -4.84
N VAL B 53 5.38 32.85 -5.89
CA VAL B 53 6.10 31.57 -5.95
C VAL B 53 7.02 31.52 -7.19
N LYS B 54 8.33 31.35 -7.00
CA LYS B 54 9.22 31.07 -8.15
C LYS B 54 9.86 29.66 -8.15
N PHE B 55 10.04 29.10 -9.36
CA PHE B 55 10.71 27.80 -9.54
C PHE B 55 12.00 27.89 -10.39
N ASN B 56 13.03 27.13 -10.03
CA ASN B 56 14.11 26.76 -10.96
C ASN B 56 14.25 25.23 -11.10
N TRP B 57 14.44 24.77 -12.33
CA TRP B 57 14.71 23.35 -12.58
C TRP B 57 16.15 23.12 -13.07
N TYR B 58 16.69 21.96 -12.67
CA TYR B 58 18.03 21.51 -13.10
C TYR B 58 18.06 19.99 -13.27
N VAL B 59 18.76 19.57 -14.31
CA VAL B 59 19.02 18.17 -14.54
C VAL B 59 20.48 17.85 -14.36
N ASP B 60 20.81 17.10 -13.30
CA ASP B 60 22.20 16.69 -13.07
C ASP B 60 23.10 17.93 -13.10
N GLY B 61 22.63 19.00 -12.45
CA GLY B 61 23.36 20.27 -12.33
C GLY B 61 22.96 21.28 -13.38
N VAL B 62 23.28 20.94 -14.64
CA VAL B 62 23.04 21.83 -15.76
C VAL B 62 21.61 22.37 -15.68
N GLU B 63 21.46 23.69 -15.69
CA GLU B 63 20.12 24.26 -15.72
C GLU B 63 19.48 24.07 -17.11
N VAL B 64 18.15 24.00 -17.14
CA VAL B 64 17.41 23.79 -18.39
C VAL B 64 16.34 24.86 -18.46
N HIS B 65 15.78 25.12 -19.64
CA HIS B 65 14.86 26.23 -19.79
C HIS B 65 13.48 25.91 -20.34
N ASN B 66 12.70 25.05 -19.65
CA ASN B 66 11.35 24.67 -20.18
C ASN B 66 10.15 24.25 -19.27
N ALA B 67 10.32 24.25 -17.95
CA ALA B 67 9.19 23.99 -17.04
C ALA B 67 8.01 24.93 -17.29
N LYS B 68 6.81 24.45 -17.02
CA LYS B 68 5.57 25.23 -17.21
C LYS B 68 4.81 25.42 -15.88
N THR B 69 4.32 26.63 -15.56
CA THR B 69 3.57 26.76 -14.29
C THR B 69 2.06 26.77 -14.55
N LYS B 70 1.33 25.93 -13.82
CA LYS B 70 -0.14 25.82 -13.92
C LYS B 70 -0.83 27.12 -13.52
N PRO B 71 -2.13 27.30 -13.90
CA PRO B 71 -2.91 28.33 -13.20
C PRO B 71 -3.19 27.82 -11.79
N ARG B 72 -2.87 28.66 -10.80
CA ARG B 72 -2.87 28.21 -9.40
C ARG B 72 -4.28 28.00 -8.84
N GLU B 73 -4.38 27.50 -7.60
CA GLU B 73 -5.59 26.78 -7.13
C GLU B 73 -5.85 26.89 -5.61
N GLU B 74 -7.03 27.38 -5.19
CA GLU B 74 -7.34 27.53 -3.74
C GLU B 74 -8.17 26.42 -3.07
N GLN B 75 -7.75 26.04 -1.86
CA GLN B 75 -8.53 25.14 -0.99
C GLN B 75 -9.32 25.98 0.00
N TYR B 76 -10.59 25.63 0.24
CA TYR B 76 -11.44 26.42 1.17
C TYR B 76 -10.88 26.49 2.59
N ASN B 77 -9.78 25.76 2.86
CA ASN B 77 -9.05 25.87 4.14
C ASN B 77 -8.10 27.08 4.26
N SER B 78 -8.18 27.99 3.27
CA SER B 78 -7.63 29.37 3.32
C SER B 78 -6.27 29.59 2.62
N THR B 79 -5.90 28.65 1.74
CA THR B 79 -4.56 28.64 1.12
C THR B 79 -4.59 28.19 -0.35
N TYR B 80 -3.47 28.41 -1.04
CA TYR B 80 -3.34 28.06 -2.45
C TYR B 80 -2.60 26.71 -2.68
N ARG B 81 -2.48 26.34 -3.96
CA ARG B 81 -1.74 25.15 -4.47
C ARG B 81 -1.11 25.57 -5.84
N VAL B 82 0.23 25.55 -5.96
CA VAL B 82 0.92 26.07 -7.19
C VAL B 82 1.91 25.05 -7.82
N VAL B 83 1.57 24.57 -9.02
CA VAL B 83 2.27 23.45 -9.72
C VAL B 83 3.12 23.89 -10.93
N SER B 84 4.39 23.51 -10.94
CA SER B 84 5.25 23.64 -12.10
C SER B 84 5.46 22.21 -12.61
N VAL B 85 5.39 22.06 -13.94
CA VAL B 85 5.49 20.75 -14.59
C VAL B 85 6.62 20.89 -15.59
N LEU B 86 7.57 20.00 -15.51
CA LEU B 86 8.67 19.89 -16.48
C LEU B 86 8.53 18.58 -17.20
N THR B 87 8.55 18.65 -18.52
CA THR B 87 8.66 17.50 -19.43
C THR B 87 10.12 17.03 -19.49
N VAL B 88 10.29 15.70 -19.55
CA VAL B 88 11.61 15.07 -19.63
C VAL B 88 11.89 14.26 -20.92
N LEU B 89 13.17 14.08 -21.29
CA LEU B 89 13.57 13.10 -22.33
C LEU B 89 13.49 11.67 -21.72
N HIS B 90 12.90 10.74 -22.46
CA HIS B 90 12.63 9.42 -21.93
C HIS B 90 13.93 8.73 -21.52
N GLN B 91 14.93 8.78 -22.40
CA GLN B 91 16.19 8.06 -22.20
C GLN B 91 16.96 8.59 -20.98
N ASP B 92 16.83 9.90 -20.76
CA ASP B 92 17.47 10.59 -19.63
C ASP B 92 16.90 10.14 -18.30
N TRP B 93 15.57 10.05 -18.25
CA TRP B 93 14.93 9.63 -17.03
C TRP B 93 15.32 8.18 -16.80
N LEU B 94 15.33 7.38 -17.86
CA LEU B 94 15.61 5.94 -17.73
C LEU B 94 17.08 5.69 -17.36
N ASN B 95 17.95 6.64 -17.68
CA ASN B 95 19.37 6.50 -17.34
C ASN B 95 19.65 7.02 -15.97
N GLY B 96 18.63 7.53 -15.30
CA GLY B 96 18.75 7.88 -13.90
C GLY B 96 19.14 9.33 -13.64
N LYS B 97 19.09 10.19 -14.67
CA LYS B 97 19.39 11.60 -14.47
C LYS B 97 18.55 12.13 -13.32
N GLU B 98 19.18 12.96 -12.51
CA GLU B 98 18.54 13.60 -11.37
C GLU B 98 17.83 14.85 -11.82
N TYR B 99 16.72 15.13 -11.15
CA TYR B 99 15.84 16.22 -11.51
C TYR B 99 15.61 17.03 -10.25
N LYS B 100 15.95 18.32 -10.31
CA LYS B 100 15.86 19.19 -9.13
C LYS B 100 14.83 20.32 -9.29
N CYS B 101 13.90 20.39 -8.32
CA CYS B 101 12.95 21.50 -8.17
C CYS B 101 13.41 22.49 -7.07
N LYS B 102 13.85 23.72 -7.47
CA LYS B 102 14.18 24.78 -6.46
C LYS B 102 13.05 25.86 -6.37
N VAL B 103 12.49 25.93 -5.15
CA VAL B 103 11.28 26.72 -4.90
C VAL B 103 11.60 27.97 -4.03
N SER B 104 11.28 29.16 -4.55
CA SER B 104 11.51 30.45 -3.85
C SER B 104 10.18 31.15 -3.52
N ASN B 105 10.09 31.71 -2.27
CA ASN B 105 8.87 32.39 -1.77
C ASN B 105 9.27 33.43 -0.70
N LYS B 106 8.80 34.68 -0.84
CA LYS B 106 9.12 35.74 0.13
C LYS B 106 8.46 35.47 1.51
N ALA B 107 8.04 34.22 1.71
CA ALA B 107 7.41 33.76 2.97
C ALA B 107 8.10 32.52 3.60
N LEU B 108 9.11 31.99 2.91
CA LEU B 108 9.87 30.86 3.45
C LEU B 108 11.16 31.38 4.08
N PRO B 109 11.68 30.67 5.12
CA PRO B 109 12.96 31.05 5.74
C PRO B 109 14.14 30.96 4.75
N ALA B 110 14.14 29.92 3.94
CA ALA B 110 15.13 29.70 2.89
C ALA B 110 14.44 28.99 1.72
N PRO B 111 15.03 29.08 0.50
CA PRO B 111 14.35 28.42 -0.60
C PRO B 111 14.53 26.90 -0.50
N ILE B 112 13.46 26.15 -0.79
CA ILE B 112 13.44 24.68 -0.65
C ILE B 112 13.84 23.96 -1.96
N GLU B 113 14.70 22.95 -1.81
CA GLU B 113 15.18 22.12 -2.94
C GLU B 113 14.83 20.62 -2.87
N LYS B 114 14.20 20.10 -3.91
CA LYS B 114 13.91 18.65 -3.99
C LYS B 114 14.56 18.05 -5.23
N THR B 115 15.22 16.91 -5.05
CA THR B 115 15.71 16.07 -6.15
C THR B 115 14.93 14.72 -6.22
N ILE B 116 14.62 14.28 -7.44
CA ILE B 116 14.08 12.95 -7.70
C ILE B 116 14.84 12.34 -8.88
N SER B 117 14.84 11.00 -8.97
CA SER B 117 15.40 10.29 -10.11
C SER B 117 14.91 8.85 -10.08
N LYS B 118 15.09 8.14 -11.19
CA LYS B 118 14.70 6.72 -11.26
C LYS B 118 15.43 5.85 -10.19
N ALA B 119 14.70 4.93 -9.56
CA ALA B 119 15.27 3.87 -8.67
C ALA B 119 16.52 3.24 -9.32
N LYS B 120 17.58 3.07 -8.53
CA LYS B 120 18.91 2.63 -9.01
C LYS B 120 18.93 1.14 -9.10
N GLY B 121 19.66 0.59 -10.06
CA GLY B 121 19.98 -0.84 -9.92
C GLY B 121 19.70 -1.50 -11.27
N GLN B 122 20.11 -2.76 -11.44
CA GLN B 122 20.09 -3.44 -12.75
C GLN B 122 18.61 -3.81 -13.01
N PRO B 123 18.09 -3.33 -14.10
CA PRO B 123 16.69 -3.73 -14.44
C PRO B 123 16.49 -5.22 -14.63
N ARG B 124 15.41 -5.76 -14.09
CA ARG B 124 15.14 -7.17 -14.22
C ARG B 124 13.79 -7.41 -14.90
N GLU B 125 13.78 -8.33 -15.82
CA GLU B 125 12.62 -8.54 -16.66
C GLU B 125 11.43 -9.24 -15.96
N PRO B 126 10.21 -8.69 -16.06
CA PRO B 126 9.16 -9.39 -15.47
C PRO B 126 8.81 -10.69 -16.21
N GLN B 127 8.28 -11.62 -15.43
CA GLN B 127 7.73 -12.88 -15.92
C GLN B 127 6.24 -12.70 -15.74
N VAL B 128 5.49 -12.93 -16.83
CA VAL B 128 4.05 -12.69 -16.85
C VAL B 128 3.28 -14.04 -17.07
N TYR B 129 2.33 -14.36 -16.18
CA TYR B 129 1.50 -15.60 -16.40
C TYR B 129 0.02 -15.25 -16.26
N THR B 130 -0.86 -15.72 -17.15
CA THR B 130 -2.28 -15.48 -16.91
C THR B 130 -2.91 -16.76 -16.35
N LEU B 131 -3.91 -16.62 -15.50
CA LEU B 131 -4.57 -17.77 -14.87
C LEU B 131 -6.07 -17.71 -15.01
N PRO B 132 -6.71 -18.90 -15.20
CA PRO B 132 -8.14 -18.93 -15.48
C PRO B 132 -8.98 -18.74 -14.23
N PRO B 133 -10.29 -18.52 -14.39
CA PRO B 133 -11.16 -18.31 -13.23
C PRO B 133 -11.10 -19.47 -12.24
N CYS B 134 -11.25 -19.17 -10.95
CA CYS B 134 -11.25 -20.20 -9.93
C CYS B 134 -12.41 -21.18 -10.16
N ARG B 135 -12.13 -22.45 -9.88
CA ARG B 135 -13.06 -23.37 -9.18
C ARG B 135 -14.57 -23.08 -9.41
N ASP B 136 -15.12 -22.33 -8.45
CA ASP B 136 -16.54 -22.16 -8.05
C ASP B 136 -17.28 -20.96 -8.67
N GLU B 137 -16.55 -20.14 -9.41
CA GLU B 137 -17.03 -18.87 -9.96
C GLU B 137 -17.87 -19.08 -11.21
N LEU B 138 -17.75 -20.28 -11.75
CA LEU B 138 -18.42 -20.63 -13.00
C LEU B 138 -19.95 -20.78 -12.77
N THR B 139 -20.36 -20.85 -11.52
CA THR B 139 -21.76 -20.87 -11.21
C THR B 139 -22.28 -19.41 -11.16
N LYS B 140 -21.36 -18.46 -11.01
CA LYS B 140 -21.67 -17.02 -10.88
C LYS B 140 -22.04 -16.40 -12.20
N ASN B 141 -22.44 -15.14 -12.13
CA ASN B 141 -22.67 -14.33 -13.33
C ASN B 141 -21.33 -13.97 -13.92
N GLN B 142 -20.37 -13.74 -13.02
CA GLN B 142 -19.08 -13.20 -13.39
C GLN B 142 -17.93 -14.09 -12.98
N VAL B 143 -16.83 -13.98 -13.75
CA VAL B 143 -15.57 -14.66 -13.43
C VAL B 143 -14.40 -13.67 -13.28
N SER B 144 -13.35 -14.08 -12.57
CA SER B 144 -12.09 -13.33 -12.53
C SER B 144 -10.99 -14.00 -13.33
N LEU B 145 -10.35 -13.24 -14.22
CA LEU B 145 -9.16 -13.69 -14.92
C LEU B 145 -7.96 -13.01 -14.21
N TRP B 146 -6.85 -13.72 -14.06
CA TRP B 146 -5.70 -13.23 -13.26
C TRP B 146 -4.47 -13.10 -14.14
N CYS B 147 -3.66 -12.07 -13.83
CA CYS B 147 -2.37 -11.89 -14.46
C CYS B 147 -1.32 -11.77 -13.35
N LEU B 148 -0.43 -12.74 -13.21
CA LEU B 148 0.72 -12.62 -12.27
C LEU B 148 1.94 -12.05 -12.98
N VAL B 149 2.62 -11.08 -12.37
CA VAL B 149 3.75 -10.45 -12.99
C VAL B 149 4.79 -10.42 -11.90
N LYS B 150 5.89 -11.13 -12.12
CA LYS B 150 6.87 -11.25 -11.04
C LYS B 150 8.33 -11.13 -11.49
N GLY B 151 9.22 -10.83 -10.52
CA GLY B 151 10.67 -10.80 -10.79
C GLY B 151 11.16 -9.53 -11.45
N PHE B 152 10.35 -8.47 -11.44
CA PHE B 152 10.80 -7.31 -12.10
C PHE B 152 11.53 -6.33 -11.21
N TYR B 153 12.39 -5.55 -11.85
CA TYR B 153 13.03 -4.40 -11.21
C TYR B 153 13.40 -3.37 -12.24
N PRO B 154 13.24 -2.04 -11.93
CA PRO B 154 12.63 -1.42 -10.76
C PRO B 154 11.11 -1.58 -10.74
N SER B 155 10.47 -1.05 -9.71
CA SER B 155 9.05 -1.30 -9.47
C SER B 155 8.12 -0.51 -10.43
N ASP B 156 8.66 0.41 -11.21
CA ASP B 156 7.86 1.22 -12.15
C ASP B 156 7.32 0.27 -13.19
N ILE B 157 6.00 0.22 -13.34
CA ILE B 157 5.42 -0.80 -14.19
C ILE B 157 3.99 -0.35 -14.57
N ALA B 158 3.52 -0.73 -15.74
CA ALA B 158 2.09 -0.55 -16.07
C ALA B 158 1.51 -1.83 -16.52
N VAL B 159 0.28 -2.14 -16.06
CA VAL B 159 -0.37 -3.38 -16.37
C VAL B 159 -1.79 -3.08 -16.81
N GLU B 160 -2.21 -3.65 -17.95
CA GLU B 160 -3.50 -3.28 -18.60
C GLU B 160 -4.15 -4.55 -19.19
N TRP B 161 -5.46 -4.53 -19.41
CA TRP B 161 -6.11 -5.66 -20.05
C TRP B 161 -6.82 -5.21 -21.31
N GLU B 162 -6.90 -6.11 -22.26
CA GLU B 162 -7.79 -5.95 -23.42
C GLU B 162 -8.45 -7.24 -23.92
N SER B 163 -9.40 -7.06 -24.85
CA SER B 163 -10.13 -8.13 -25.48
C SER B 163 -10.41 -7.62 -26.88
N ASN B 164 -9.90 -8.36 -27.86
CA ASN B 164 -10.07 -8.02 -29.25
C ASN B 164 -9.66 -6.57 -29.46
N GLY B 165 -8.47 -6.24 -28.93
CA GLY B 165 -7.86 -4.92 -29.08
C GLY B 165 -8.47 -3.89 -28.15
N GLN B 166 -9.78 -4.00 -27.93
CA GLN B 166 -10.52 -3.18 -26.97
C GLN B 166 -9.87 -3.22 -25.59
N PRO B 167 -9.58 -2.04 -25.03
CA PRO B 167 -9.15 -2.05 -23.62
C PRO B 167 -10.32 -2.37 -22.67
N GLU B 168 -10.12 -3.29 -21.71
CA GLU B 168 -11.04 -3.44 -20.55
C GLU B 168 -10.74 -2.36 -19.49
N ASN B 169 -11.64 -2.16 -18.54
CA ASN B 169 -11.30 -1.31 -17.38
C ASN B 169 -11.77 -1.93 -16.08
N ASN B 170 -12.70 -2.91 -16.18
CA ASN B 170 -13.14 -3.64 -14.96
C ASN B 170 -12.09 -4.64 -14.41
N TYR B 171 -10.96 -4.06 -13.99
CA TYR B 171 -9.82 -4.79 -13.45
C TYR B 171 -9.15 -4.00 -12.36
N LYS B 172 -8.42 -4.67 -11.48
CA LYS B 172 -7.76 -3.98 -10.37
C LYS B 172 -6.42 -4.70 -10.20
N THR B 173 -5.40 -4.00 -9.74
CA THR B 173 -4.05 -4.48 -9.79
C THR B 173 -3.44 -4.17 -8.46
N THR B 174 -2.80 -5.15 -7.82
CA THR B 174 -2.18 -4.86 -6.52
C THR B 174 -1.01 -3.90 -6.76
N PRO B 175 -0.58 -3.16 -5.73
CA PRO B 175 0.66 -2.37 -5.96
C PRO B 175 1.83 -3.34 -6.09
N PRO B 176 2.98 -2.90 -6.70
CA PRO B 176 4.16 -3.80 -6.69
C PRO B 176 4.48 -4.17 -5.27
N VAL B 177 4.82 -5.43 -4.97
CA VAL B 177 5.21 -5.90 -3.65
C VAL B 177 6.66 -6.40 -3.65
N LEU B 178 7.45 -5.92 -2.68
CA LEU B 178 8.88 -6.25 -2.67
C LEU B 178 9.09 -7.66 -2.20
N ASP B 179 9.77 -8.41 -3.02
CA ASP B 179 10.05 -9.80 -2.76
C ASP B 179 11.41 -9.94 -2.04
N SER B 180 11.76 -11.13 -1.59
CA SER B 180 12.98 -11.23 -0.80
C SER B 180 14.30 -11.20 -1.62
N ASP B 181 14.20 -11.36 -2.93
CA ASP B 181 15.40 -11.21 -3.76
C ASP B 181 15.60 -9.77 -4.24
N GLY B 182 14.81 -8.87 -3.68
CA GLY B 182 14.82 -7.45 -4.01
C GLY B 182 14.12 -7.11 -5.35
N SER B 183 13.54 -8.08 -6.01
CA SER B 183 12.62 -7.81 -7.17
C SER B 183 11.18 -7.64 -6.68
N PHE B 184 10.24 -7.42 -7.60
CA PHE B 184 8.85 -7.09 -7.23
C PHE B 184 7.89 -8.03 -7.89
N PHE B 185 6.70 -8.20 -7.30
CA PHE B 185 5.60 -8.96 -8.00
C PHE B 185 4.30 -8.21 -7.82
N LEU B 186 3.27 -8.62 -8.57
CA LEU B 186 1.96 -8.04 -8.38
C LEU B 186 1.05 -9.00 -9.07
N TYR B 187 -0.23 -8.86 -8.77
CA TYR B 187 -1.29 -9.53 -9.48
C TYR B 187 -2.31 -8.51 -10.06
N SER B 188 -2.94 -8.84 -11.16
CA SER B 188 -4.00 -8.02 -11.65
C SER B 188 -5.21 -8.93 -11.84
N LYS B 189 -6.36 -8.41 -11.45
CA LYS B 189 -7.58 -9.19 -11.47
C LYS B 189 -8.55 -8.55 -12.45
N LEU B 190 -8.95 -9.27 -13.49
CA LEU B 190 -9.94 -8.73 -14.45
C LEU B 190 -11.32 -9.45 -14.23
N THR B 191 -12.40 -8.69 -14.07
CA THR B 191 -13.71 -9.30 -13.85
C THR B 191 -14.51 -9.17 -15.14
N VAL B 192 -15.03 -10.31 -15.61
CA VAL B 192 -15.83 -10.32 -16.82
C VAL B 192 -17.14 -11.10 -16.63
N ASP B 193 -17.98 -11.03 -17.64
CA ASP B 193 -19.23 -11.78 -17.63
C ASP B 193 -18.95 -13.21 -17.96
N LYS B 194 -19.55 -14.09 -17.16
CA LYS B 194 -19.48 -15.51 -17.39
C LYS B 194 -19.70 -15.80 -18.89
N SER B 195 -20.72 -15.16 -19.48
CA SER B 195 -21.09 -15.34 -20.90
C SER B 195 -19.94 -15.04 -21.90
N ARG B 196 -19.21 -13.96 -21.65
CA ARG B 196 -18.08 -13.54 -22.49
C ARG B 196 -16.89 -14.48 -22.45
N TRP B 197 -16.54 -14.98 -21.26
CA TRP B 197 -15.59 -16.09 -21.08
C TRP B 197 -16.05 -17.34 -21.88
N GLN B 198 -17.27 -17.81 -21.59
CA GLN B 198 -17.76 -19.05 -22.21
C GLN B 198 -17.85 -19.06 -23.74
N GLN B 199 -18.04 -17.90 -24.37
CA GLN B 199 -18.03 -17.86 -25.85
C GLN B 199 -16.61 -17.93 -26.41
N GLY B 200 -15.60 -18.14 -25.55
CA GLY B 200 -14.18 -18.29 -25.96
C GLY B 200 -13.50 -17.02 -26.46
N ASN B 201 -13.97 -15.87 -25.98
CA ASN B 201 -13.29 -14.60 -26.22
C ASN B 201 -11.85 -14.65 -25.69
N VAL B 202 -10.96 -13.88 -26.31
CA VAL B 202 -9.54 -13.90 -25.96
C VAL B 202 -9.26 -12.71 -25.03
N PHE B 203 -8.65 -12.95 -23.89
CA PHE B 203 -8.28 -11.80 -23.04
C PHE B 203 -6.76 -11.74 -22.91
N SER B 204 -6.24 -10.52 -22.84
CA SER B 204 -4.77 -10.33 -22.82
C SER B 204 -4.42 -9.42 -21.71
N CYS B 205 -3.41 -9.82 -20.95
CA CYS B 205 -2.83 -8.97 -19.98
C CYS B 205 -1.58 -8.34 -20.66
N SER B 206 -1.48 -7.00 -20.64
CA SER B 206 -0.36 -6.23 -21.22
C SER B 206 0.50 -5.62 -20.12
N VAL B 207 1.81 -5.73 -20.29
CA VAL B 207 2.75 -5.27 -19.28
C VAL B 207 3.84 -4.40 -19.93
N MET B 208 4.04 -3.20 -19.38
CA MET B 208 5.02 -2.27 -19.88
C MET B 208 6.08 -2.08 -18.79
N HIS B 209 7.35 -2.25 -19.17
CA HIS B 209 8.43 -2.22 -18.18
C HIS B 209 9.72 -2.04 -18.94
N GLU B 210 10.69 -1.32 -18.36
CA GLU B 210 11.89 -0.99 -19.11
C GLU B 210 12.74 -2.20 -19.48
N ALA B 211 12.65 -3.27 -18.72
CA ALA B 211 13.47 -4.50 -18.99
C ALA B 211 12.86 -5.46 -20.00
N LEU B 212 11.71 -5.10 -20.58
CA LEU B 212 11.12 -5.99 -21.58
C LEU B 212 11.61 -5.53 -22.93
N HIS B 213 11.71 -6.44 -23.86
CA HIS B 213 11.89 -5.98 -25.26
C HIS B 213 10.75 -5.04 -25.78
N ASN B 214 11.11 -3.95 -26.45
CA ASN B 214 10.19 -2.84 -26.76
C ASN B 214 9.36 -2.33 -25.57
N HIS B 215 9.86 -2.52 -24.35
CA HIS B 215 9.17 -2.16 -23.16
C HIS B 215 7.78 -2.81 -23.09
N TYR B 216 7.53 -3.91 -23.76
CA TYR B 216 6.16 -4.40 -23.81
C TYR B 216 6.06 -5.85 -23.95
N THR B 217 5.18 -6.45 -23.18
CA THR B 217 4.77 -7.83 -23.47
C THR B 217 3.29 -8.07 -23.20
N GLN B 218 2.72 -9.15 -23.73
CA GLN B 218 1.26 -9.35 -23.71
C GLN B 218 1.08 -10.82 -23.52
N LYS B 219 0.23 -11.24 -22.59
CA LYS B 219 -0.12 -12.65 -22.41
C LYS B 219 -1.61 -12.90 -22.52
N SER B 220 -1.96 -13.98 -23.20
CA SER B 220 -3.33 -14.14 -23.60
C SER B 220 -3.95 -15.35 -22.98
N LEU B 221 -5.28 -15.32 -22.87
CA LEU B 221 -6.05 -16.50 -22.50
C LEU B 221 -7.55 -16.44 -22.86
N SER B 222 -8.14 -17.62 -22.96
CA SER B 222 -9.47 -17.77 -23.51
C SER B 222 -9.95 -19.13 -23.04
N LEU B 223 -11.27 -19.28 -22.87
CA LEU B 223 -11.80 -20.53 -22.27
C LEU B 223 -10.83 -21.72 -22.09
C1 NAG C . 12.33 12.84 18.93
C2 NAG C . 11.57 13.35 17.70
C3 NAG C . 10.19 12.67 17.58
C4 NAG C . 10.34 11.16 17.64
C5 NAG C . 10.98 10.87 18.97
C6 NAG C . 11.12 9.35 19.15
C7 NAG C . 12.12 15.71 17.14
C8 NAG C . 11.91 17.18 17.41
N2 NAG C . 11.42 14.78 17.83
O3 NAG C . 9.59 13.05 16.38
O4 NAG C . 9.02 10.61 17.68
O5 NAG C . 12.29 11.45 19.10
O6 NAG C . 11.92 8.84 18.10
O7 NAG C . 12.96 15.39 16.32
C1 NAG C . 8.50 10.21 16.40
C2 NAG C . 7.57 8.98 16.62
C3 NAG C . 6.92 8.60 15.25
C4 NAG C . 6.21 9.82 14.65
C5 NAG C . 7.12 11.04 14.68
C6 NAG C . 6.35 12.27 14.22
C7 NAG C . 8.16 7.19 18.26
C8 NAG C . 9.22 6.13 18.63
N2 NAG C . 8.38 7.89 17.16
O3 NAG C . 5.95 7.58 15.43
O4 NAG C . 5.89 9.59 13.25
O5 NAG C . 7.69 11.26 15.98
O6 NAG C . 7.32 13.32 14.08
O7 NAG C . 7.15 7.41 18.98
C1 BMA C . 4.62 9.03 13.05
C2 BMA C . 4.06 9.58 11.75
C3 BMA C . 2.76 8.79 11.57
C4 BMA C . 3.04 7.31 11.51
C5 BMA C . 3.67 6.85 12.80
C6 BMA C . 3.97 5.34 12.66
O2 BMA C . 5.02 9.21 10.73
O3 BMA C . 2.15 8.82 10.30
O4 BMA C . 1.77 6.65 11.42
O5 BMA C . 4.87 7.58 12.98
O6 BMA C . 4.01 4.70 14.02
C1 BMA C . 4.87 3.78 14.27
C2 BMA C . 5.18 3.56 15.71
C3 BMA C . 6.61 4.09 16.01
C4 BMA C . 7.60 3.47 15.01
C5 BMA C . 7.17 3.58 13.55
C6 BMA C . 8.15 2.82 12.64
O2 BMA C . 5.29 2.15 15.90
O3 BMA C . 6.92 3.66 17.30
O4 BMA C . 8.91 3.93 15.14
O5 BMA C . 5.78 3.18 13.33
O6 BMA C . 7.64 3.14 11.39
C1 NAG C . 4.06 1.52 16.26
C2 NAG C . 4.16 0.01 15.98
C3 NAG C . 2.88 -0.71 16.49
C4 NAG C . 2.53 -0.22 17.92
C5 NAG C . 2.51 1.33 18.01
C6 NAG C . 2.34 1.96 19.42
C7 NAG C . 5.57 -0.44 14.06
C8 NAG C . 5.69 -0.67 12.59
N2 NAG C . 4.36 -0.20 14.54
O3 NAG C . 2.99 -2.14 16.45
O4 NAG C . 1.19 -0.65 18.14
O5 NAG C . 3.77 1.77 17.63
O6 NAG C . 3.01 1.18 20.36
O7 NAG C . 6.55 -0.50 14.81
C1 GAL C . 0.96 -1.40 19.32
C2 GAL C . -0.57 -1.72 19.31
C3 GAL C . -0.84 -2.83 20.35
C4 GAL C . 0.08 -4.06 20.26
C5 GAL C . 1.54 -3.47 20.32
C6 GAL C . 2.61 -4.55 20.32
O2 GAL C . -1.47 -0.62 19.53
O3 GAL C . -2.14 -3.24 20.44
O4 GAL C . -0.06 -4.71 19.02
O5 GAL C . 1.76 -2.60 19.22
O6 GAL C . 3.84 -3.91 20.23
C1 BMA C . 1.88 10.01 9.68
C2 BMA C . 1.22 9.72 8.32
C3 BMA C . 1.32 10.97 7.47
C4 BMA C . 1.39 12.25 8.28
C5 BMA C . 1.78 12.06 9.78
C6 BMA C . 1.73 13.30 10.67
O2 BMA C . -0.08 9.19 8.46
O3 BMA C . 0.20 11.03 6.66
O4 BMA C . 2.34 13.04 7.59
O5 BMA C . 1.16 10.96 10.38
O6 BMA C . 3.03 13.35 11.23
C1 NAG C . -1.24 10.08 8.37
C2 NAG C . -2.45 9.17 8.04
C3 NAG C . -3.72 9.43 8.84
C4 NAG C . -3.46 10.13 10.15
C5 NAG C . -2.65 11.38 9.87
C6 NAG C . -2.62 12.29 11.08
C7 NAG C . -2.95 8.11 5.84
C8 NAG C . -3.23 8.38 4.40
N2 NAG C . -2.74 9.20 6.61
O3 NAG C . -4.38 8.20 9.09
O4 NAG C . -4.70 10.49 10.72
O5 NAG C . -1.36 10.93 9.52
O6 NAG C . -1.62 13.26 10.89
O7 NAG C . -2.91 6.93 6.25
C1 FUC C . 12.92 7.96 18.64
C2 FUC C . 13.42 6.99 17.54
C3 FUC C . 14.08 7.86 16.46
C4 FUC C . 15.17 8.79 17.05
C5 FUC C . 14.64 9.60 18.26
C6 FUC C . 15.79 10.35 19.00
O2 FUC C . 12.31 6.29 16.93
O3 FUC C . 14.68 7.03 15.49
O4 FUC C . 16.19 7.93 17.54
O5 FUC C . 14.07 8.67 19.17
C1 NAG D . -5.44 22.38 3.38
C2 NAG D . -4.21 21.92 4.17
C3 NAG D . -3.16 21.21 3.26
C4 NAG D . -3.74 20.22 2.22
C5 NAG D . -4.88 20.97 1.51
C6 NAG D . -5.51 20.15 0.38
C7 NAG D . -3.89 23.44 6.18
C8 NAG D . -3.12 24.62 6.73
N2 NAG D . -3.60 23.03 4.93
O3 NAG D . -2.18 20.57 4.05
O4 NAG D . -2.79 19.75 1.25
O5 NAG D . -5.86 21.37 2.47
O6 NAG D . -6.24 19.06 0.89
O7 NAG D . -4.73 22.93 6.91
C1 NAG D . -2.28 18.40 1.51
C2 NAG D . -2.14 17.51 0.26
C3 NAG D . -1.55 16.13 0.66
C4 NAG D . -0.20 16.29 1.33
C5 NAG D . -0.45 17.21 2.52
C6 NAG D . 0.82 17.52 3.31
C7 NAG D . -3.53 17.78 -1.79
C8 NAG D . -4.85 17.46 -2.46
N2 NAG D . -3.36 17.32 -0.54
O3 NAG D . -1.46 15.22 -0.42
O4 NAG D . 0.31 15.03 1.77
O5 NAG D . -1.01 18.46 2.11
O6 NAG D . 0.40 18.10 4.52
O7 NAG D . -2.69 18.45 -2.40
C1 BMA D . 1.42 14.54 0.97
C2 BMA D . 2.61 14.11 1.86
C3 BMA D . 3.65 13.31 1.02
C4 BMA D . 2.90 12.15 0.40
C5 BMA D . 2.05 12.86 -0.64
C6 BMA D . 1.48 11.98 -1.74
O2 BMA D . 2.18 13.32 2.97
O3 BMA D . 4.90 12.96 1.65
O4 BMA D . 3.82 11.17 -0.10
O5 BMA D . 0.98 13.49 0.09
O6 BMA D . 1.14 12.75 -2.90
C1 BMA D . -0.29 12.98 -2.96
C2 BMA D . -0.79 13.77 -4.17
C3 BMA D . -2.13 14.34 -3.72
C4 BMA D . -2.99 13.42 -2.84
C5 BMA D . -2.26 12.30 -2.05
C6 BMA D . -3.18 11.13 -1.71
O2 BMA D . -1.18 12.96 -5.25
O3 BMA D . -2.87 14.59 -4.90
O4 BMA D . -3.70 14.19 -1.90
O5 BMA D . -1.13 11.85 -2.75
O6 BMA D . -3.52 10.45 -2.89
C1 NAG D . -0.32 12.89 -6.42
C2 NAG D . -0.98 11.89 -7.40
C3 NAG D . -0.49 11.93 -8.88
C4 NAG D . 0.20 13.23 -9.34
C5 NAG D . 0.78 14.04 -8.16
C6 NAG D . 1.33 15.43 -8.51
C7 NAG D . -1.93 10.00 -6.04
C8 NAG D . -1.68 8.62 -5.50
N2 NAG D . -0.95 10.55 -6.79
O3 NAG D . -1.56 11.67 -9.79
O4 NAG D . 1.24 12.90 -10.25
O5 NAG D . -0.11 14.14 -7.04
O6 NAG D . 1.27 15.77 -9.89
O7 NAG D . -3.00 10.54 -5.79
C1 GAL D . 1.27 13.54 -11.55
C2 GAL D . 2.53 13.19 -12.32
C3 GAL D . 2.47 13.71 -13.74
C4 GAL D . 1.21 13.26 -14.47
C5 GAL D . 0.03 13.68 -13.59
C6 GAL D . -1.34 13.18 -14.03
O2 GAL D . 3.70 13.66 -11.73
O3 GAL D . 3.64 13.28 -14.40
O4 GAL D . 1.23 11.85 -14.68
O5 GAL D . 0.17 13.13 -12.30
O6 GAL D . -1.99 12.73 -12.84
C1 BMA D . 4.69 12.49 2.99
C2 BMA D . 4.93 10.99 3.18
C3 BMA D . 4.51 10.63 4.62
C4 BMA D . 5.16 11.55 5.66
C5 BMA D . 4.96 13.03 5.28
C6 BMA D . 5.72 13.98 6.21
O2 BMA D . 6.22 10.54 2.71
O3 BMA D . 4.78 9.28 4.89
O4 BMA D . 4.69 11.29 6.97
O5 BMA D . 5.39 13.26 3.94
O6 BMA D . 5.55 15.30 5.74
C1 NAG D . 7.38 10.59 3.61
C2 NAG D . 8.45 9.53 3.27
C3 NAG D . 9.55 10.01 2.31
C4 NAG D . 9.55 11.53 2.11
C5 NAG D . 9.20 12.24 3.41
C6 NAG D . 9.23 13.75 3.23
C7 NAG D . 9.61 7.90 4.77
C8 NAG D . 10.11 7.71 6.18
N2 NAG D . 9.01 9.08 4.53
O3 NAG D . 9.42 9.35 1.06
O4 NAG D . 10.82 11.96 1.66
O5 NAG D . 7.90 11.90 3.84
O6 NAG D . 8.10 14.11 2.46
O7 NAG D . 9.77 7.02 3.91
C1 FUC D . -6.95 18.38 -0.15
C2 FUC D . -8.07 17.53 0.47
C3 FUC D . -9.38 18.30 0.56
C4 FUC D . -9.82 18.94 -0.78
C5 FUC D . -8.68 19.02 -1.84
C6 FUC D . -8.66 17.85 -2.84
O2 FUC D . -7.67 17.12 1.78
O3 FUC D . -10.38 17.39 1.05
O4 FUC D . -10.99 18.30 -1.32
O5 FUC D . -7.39 19.23 -1.24
#